data_6RC1
#
_entry.id   6RC1
#
_cell.length_a   62.614
_cell.length_b   75.775
_cell.length_c   118.658
_cell.angle_alpha   90.000
_cell.angle_beta   90.000
_cell.angle_gamma   90.000
#
_symmetry.space_group_name_H-M   'I 2 2 2'
#
loop_
_entity.id
_entity.type
_entity.pdbx_description
1 polymer 'NAD kinase 1'
2 non-polymer 'CITRIC ACID'
3 non-polymer 9-ethyl-8-methyl-purin-6-amine
4 water water
#
_entity_poly.entity_id   1
_entity_poly.type   'polypeptide(L)'
_entity_poly.pdbx_seq_one_letter_code
;MKYMITSKGDEKSDLLRLNMIAGFGEYDMEYDDVEPEIVISIGGDGTFLSAFHQYEERLDEIAFIGIHTGHLGFYADWRP
AEADKLVKLLAKGEYQKVSYPLLKTTVKYGIGKKEATYLALNESTVKSSGGPFVVDVVINDIHFERFRGDGLCMSTPSGT
TAYNKSLGGALMHPSIEAMQLTEMASINNRVYRTIGSPLVFPKHHVVSLQPVNDKDFQISVDHLSILHRDVQEIRYEVSA
KKIHFARFRSFPFWRRVHDSFIEDLEHHHHHH
;
_entity_poly.pdbx_strand_id   A
#
loop_
_chem_comp.id
_chem_comp.type
_chem_comp.name
_chem_comp.formula
CIT non-polymer 'CITRIC ACID' 'C6 H8 O7'
JY8 non-polymer 9-ethyl-8-methyl-purin-6-amine 'C8 H11 N5'
#
# COMPACT_ATOMS: atom_id res chain seq x y z
N MET A 1 -25.46 7.92 5.57
CA MET A 1 -24.11 7.45 5.85
C MET A 1 -23.08 8.44 5.35
N LYS A 2 -22.16 8.84 6.22
CA LYS A 2 -21.16 9.83 5.86
C LYS A 2 -20.23 9.28 4.79
N TYR A 3 -19.96 10.08 3.76
CA TYR A 3 -19.12 9.65 2.65
C TYR A 3 -18.38 10.85 2.07
N MET A 4 -17.35 10.55 1.29
CA MET A 4 -16.63 11.55 0.53
C MET A 4 -16.07 10.88 -0.72
N ILE A 5 -15.71 11.70 -1.71
CA ILE A 5 -15.24 11.21 -3.00
C ILE A 5 -14.05 12.06 -3.44
N THR A 6 -12.90 11.42 -3.62
CA THR A 6 -11.74 12.06 -4.22
C THR A 6 -11.67 11.71 -5.70
N SER A 7 -11.15 12.64 -6.50
CA SER A 7 -11.06 12.48 -7.94
C SER A 7 -9.64 12.68 -8.40
N LYS A 8 -9.28 12.00 -9.49
CA LYS A 8 -7.94 12.15 -10.07
C LYS A 8 -7.68 13.58 -10.53
N GLY A 9 -8.72 14.33 -10.86
CA GLY A 9 -8.59 15.73 -11.22
C GLY A 9 -8.84 16.02 -12.69
N ASP A 10 -8.98 15.01 -13.52
CA ASP A 10 -9.17 15.22 -14.95
C ASP A 10 -10.65 15.37 -15.27
N GLU A 11 -10.95 15.58 -16.55
CA GLU A 11 -12.33 15.79 -16.97
C GLU A 11 -13.19 14.56 -16.70
N LYS A 12 -12.67 13.38 -17.04
CA LYS A 12 -13.44 12.16 -16.92
C LYS A 12 -13.82 11.86 -15.46
N SER A 13 -12.95 12.20 -14.53
CA SER A 13 -13.16 11.79 -13.14
C SER A 13 -14.03 12.80 -12.38
N ASP A 14 -13.75 14.09 -12.54
CA ASP A 14 -14.54 15.10 -11.84
C ASP A 14 -16.01 15.06 -12.24
N LEU A 15 -16.29 14.75 -13.50
CA LEU A 15 -17.69 14.69 -13.93
C LEU A 15 -18.37 13.43 -13.43
N LEU A 16 -17.65 12.32 -13.39
CA LEU A 16 -18.20 11.10 -12.79
C LEU A 16 -18.40 11.28 -11.29
N ARG A 17 -17.60 12.16 -10.67
CA ARG A 17 -17.77 12.43 -9.25
C ARG A 17 -19.04 13.22 -8.98
N LEU A 18 -19.31 14.24 -9.80
CA LEU A 18 -20.50 15.05 -9.58
C LEU A 18 -21.78 14.26 -9.85
N ASN A 19 -21.72 13.25 -10.72
CA ASN A 19 -22.88 12.41 -10.96
C ASN A 19 -23.21 11.57 -9.73
N MET A 20 -22.19 11.01 -9.07
CA MET A 20 -22.44 10.16 -7.92
C MET A 20 -22.91 10.98 -6.72
N ILE A 21 -22.39 12.20 -6.56
CA ILE A 21 -22.87 13.07 -5.49
C ILE A 21 -24.36 13.37 -5.70
N ALA A 22 -24.76 13.60 -6.95
CA ALA A 22 -26.18 13.79 -7.25
C ALA A 22 -26.94 12.49 -7.07
N GLY A 23 -26.32 11.35 -7.36
CA GLY A 23 -26.95 10.07 -7.09
C GLY A 23 -27.17 9.84 -5.61
N PHE A 24 -26.14 10.08 -4.80
CA PHE A 24 -26.29 10.02 -3.35
C PHE A 24 -27.24 11.10 -2.83
N GLY A 25 -27.41 12.20 -3.58
CA GLY A 25 -28.31 13.24 -3.16
C GLY A 25 -29.77 12.84 -3.12
N GLU A 26 -30.12 11.74 -3.78
CA GLU A 26 -31.48 11.22 -3.75
C GLU A 26 -31.71 10.28 -2.57
N TYR A 27 -30.67 9.96 -1.80
CA TYR A 27 -30.77 9.06 -0.66
C TYR A 27 -30.42 9.81 0.63
N ASP A 28 -30.56 9.10 1.75
CA ASP A 28 -30.11 9.59 3.04
C ASP A 28 -28.62 9.33 3.14
N MET A 29 -27.85 10.17 2.44
CA MET A 29 -26.41 10.04 2.37
C MET A 29 -25.79 11.43 2.56
N GLU A 30 -25.11 11.63 3.68
CA GLU A 30 -24.48 12.89 3.99
C GLU A 30 -23.03 12.90 3.53
N TYR A 31 -22.64 13.98 2.87
CA TYR A 31 -21.25 14.15 2.41
C TYR A 31 -20.43 14.75 3.54
N ASP A 32 -19.28 14.13 3.82
CA ASP A 32 -18.37 14.64 4.83
C ASP A 32 -16.98 14.09 4.53
N ASP A 33 -15.99 14.99 4.45
CA ASP A 33 -14.60 14.59 4.29
C ASP A 33 -13.81 14.73 5.58
N VAL A 34 -14.47 14.99 6.70
CA VAL A 34 -13.81 15.02 8.00
C VAL A 34 -13.88 13.66 8.68
N GLU A 35 -15.08 13.10 8.78
CA GLU A 35 -15.28 11.77 9.38
C GLU A 35 -16.26 10.97 8.52
N PRO A 36 -15.83 10.55 7.32
CA PRO A 36 -16.68 9.69 6.51
C PRO A 36 -16.57 8.23 6.92
N GLU A 37 -17.60 7.47 6.56
CA GLU A 37 -17.60 6.02 6.71
C GLU A 37 -17.31 5.30 5.40
N ILE A 38 -17.58 5.93 4.26
CA ILE A 38 -17.33 5.37 2.94
C ILE A 38 -16.47 6.35 2.18
N VAL A 39 -15.28 5.92 1.78
CA VAL A 39 -14.36 6.75 0.99
C VAL A 39 -14.30 6.17 -0.41
N ILE A 40 -14.76 6.94 -1.39
CA ILE A 40 -14.78 6.53 -2.79
C ILE A 40 -13.68 7.28 -3.52
N SER A 41 -12.84 6.54 -4.24
CA SER A 41 -11.78 7.14 -5.06
C SER A 41 -12.05 6.84 -6.52
N ILE A 42 -11.88 7.87 -7.36
CA ILE A 42 -12.17 7.77 -8.79
C ILE A 42 -10.92 8.19 -9.55
N GLY A 43 -10.36 7.26 -10.31
CA GLY A 43 -9.15 7.53 -11.07
C GLY A 43 -8.32 6.27 -11.28
N GLY A 44 -7.17 6.18 -10.61
CA GLY A 44 -6.33 5.00 -10.67
C GLY A 44 -5.94 4.53 -9.28
N ASP A 45 -5.10 3.52 -9.26
CA ASP A 45 -4.59 3.02 -7.98
C ASP A 45 -3.81 4.09 -7.24
N GLY A 46 -3.14 4.99 -7.97
CA GLY A 46 -2.46 6.09 -7.32
C GLY A 46 -3.43 7.04 -6.64
N THR A 47 -4.58 7.29 -7.26
CA THR A 47 -5.61 8.08 -6.61
C THR A 47 -6.14 7.37 -5.36
N PHE A 48 -6.30 6.04 -5.43
CA PHE A 48 -6.71 5.28 -4.25
C PHE A 48 -5.66 5.35 -3.15
N LEU A 49 -4.37 5.41 -3.54
CA LEU A 49 -3.30 5.46 -2.55
C LEU A 49 -3.38 6.73 -1.72
N SER A 50 -3.64 7.88 -2.37
CA SER A 50 -3.80 9.13 -1.65
C SER A 50 -5.06 9.14 -0.80
N ALA A 51 -6.12 8.48 -1.28
CA ALA A 51 -7.36 8.41 -0.49
C ALA A 51 -7.14 7.61 0.79
N PHE A 52 -6.30 6.57 0.73
CA PHE A 52 -6.00 5.79 1.92
C PHE A 52 -5.19 6.59 2.93
N HIS A 53 -4.16 7.31 2.45
CA HIS A 53 -3.31 8.08 3.34
C HIS A 53 -4.02 9.31 3.88
N GLN A 54 -4.99 9.86 3.13
CA GLN A 54 -5.78 10.97 3.65
C GLN A 54 -6.52 10.59 4.93
N TYR A 55 -6.90 9.31 5.07
CA TYR A 55 -7.69 8.86 6.21
C TYR A 55 -7.06 7.66 6.90
N GLU A 56 -5.72 7.58 6.89
CA GLU A 56 -5.04 6.48 7.58
C GLU A 56 -5.23 6.54 9.09
N GLU A 57 -5.87 7.59 9.62
CA GLU A 57 -6.02 7.67 11.07
C GLU A 57 -7.19 6.84 11.58
N ARG A 58 -8.30 6.88 10.86
CA ARG A 58 -9.50 6.14 11.23
C ARG A 58 -9.78 5.04 10.20
N LEU A 59 -8.82 4.14 10.01
CA LEU A 59 -9.00 3.07 9.05
C LEU A 59 -10.13 2.13 9.45
N ASP A 60 -10.26 1.86 10.75
CA ASP A 60 -11.28 0.91 11.22
C ASP A 60 -12.68 1.46 11.13
N GLU A 61 -12.84 2.77 10.90
CA GLU A 61 -14.15 3.38 10.75
C GLU A 61 -14.57 3.57 9.29
N ILE A 62 -13.76 3.12 8.34
CA ILE A 62 -13.97 3.44 6.93
C ILE A 62 -13.93 2.16 6.10
N ALA A 63 -14.74 2.14 5.04
CA ALA A 63 -14.70 1.11 4.01
C ALA A 63 -14.43 1.78 2.67
N PHE A 64 -13.33 1.40 2.03
CA PHE A 64 -12.87 2.05 0.80
C PHE A 64 -13.47 1.39 -0.43
N ILE A 65 -13.68 2.20 -1.47
CA ILE A 65 -14.11 1.73 -2.78
C ILE A 65 -13.33 2.49 -3.85
N GLY A 66 -13.10 1.85 -4.99
CA GLY A 66 -12.37 2.48 -6.06
C GLY A 66 -12.95 2.28 -7.44
N ILE A 67 -13.10 3.37 -8.20
CA ILE A 67 -13.53 3.33 -9.59
C ILE A 67 -12.32 3.66 -10.46
N HIS A 68 -12.06 2.83 -11.46
CA HIS A 68 -10.96 3.06 -12.39
C HIS A 68 -11.51 3.70 -13.66
N THR A 69 -11.16 4.98 -13.88
CA THR A 69 -11.50 5.64 -15.13
C THR A 69 -10.48 5.37 -16.23
N GLY A 70 -9.33 4.81 -15.88
CA GLY A 70 -8.36 4.37 -16.88
C GLY A 70 -8.41 2.88 -17.08
N HIS A 71 -7.31 2.20 -16.81
CA HIS A 71 -7.28 0.74 -16.91
C HIS A 71 -7.62 0.11 -15.56
N LEU A 72 -7.78 -1.21 -15.58
CA LEU A 72 -8.17 -1.95 -14.39
C LEU A 72 -7.11 -1.86 -13.31
N GLY A 73 -7.41 -1.15 -12.23
CA GLY A 73 -6.53 -1.13 -11.08
C GLY A 73 -6.82 -2.27 -10.11
N PHE A 74 -5.88 -2.49 -9.20
CA PHE A 74 -6.04 -3.54 -8.21
C PHE A 74 -6.90 -3.09 -7.03
N TYR A 75 -6.78 -1.83 -6.62
CA TYR A 75 -7.67 -1.29 -5.61
C TYR A 75 -8.89 -0.62 -6.22
N ALA A 76 -8.73 0.00 -7.39
CA ALA A 76 -9.84 0.61 -8.12
C ALA A 76 -10.36 -0.41 -9.11
N ASP A 77 -11.29 -1.25 -8.66
CA ASP A 77 -11.78 -2.35 -9.49
C ASP A 77 -13.27 -2.23 -9.78
N TRP A 78 -13.71 -1.03 -10.17
CA TRP A 78 -15.10 -0.80 -10.58
C TRP A 78 -15.10 0.02 -11.85
N ARG A 79 -15.81 -0.47 -12.88
CA ARG A 79 -15.92 0.28 -14.12
C ARG A 79 -16.83 1.50 -13.91
N PRO A 80 -16.56 2.59 -14.63
CA PRO A 80 -17.40 3.79 -14.48
C PRO A 80 -18.86 3.56 -14.81
N ALA A 81 -19.14 2.69 -15.79
CA ALA A 81 -20.51 2.35 -16.15
C ALA A 81 -21.26 1.65 -15.03
N GLU A 82 -20.53 1.13 -14.03
CA GLU A 82 -21.14 0.50 -12.87
C GLU A 82 -21.25 1.44 -11.69
N ALA A 83 -21.07 2.75 -11.92
CA ALA A 83 -21.14 3.71 -10.82
C ALA A 83 -22.56 3.83 -10.29
N ASP A 84 -23.55 3.84 -11.17
CA ASP A 84 -24.94 3.94 -10.71
C ASP A 84 -25.34 2.69 -9.94
N LYS A 85 -24.86 1.51 -10.34
CA LYS A 85 -25.05 0.31 -9.54
C LYS A 85 -24.45 0.50 -8.16
N LEU A 86 -23.29 1.17 -8.09
CA LEU A 86 -22.62 1.38 -6.80
C LEU A 86 -23.44 2.30 -5.90
N VAL A 87 -23.94 3.41 -6.45
CA VAL A 87 -24.66 4.38 -5.63
C VAL A 87 -25.88 3.74 -4.99
N LYS A 88 -26.60 2.89 -5.74
CA LYS A 88 -27.77 2.23 -5.19
C LYS A 88 -27.39 1.23 -4.09
N LEU A 89 -26.29 0.51 -4.27
CA LEU A 89 -25.94 -0.53 -3.31
C LEU A 89 -25.36 0.07 -2.04
N LEU A 90 -24.70 1.23 -2.14
CA LEU A 90 -24.24 1.94 -0.95
C LEU A 90 -25.38 2.45 -0.10
N ALA A 91 -26.55 2.66 -0.70
CA ALA A 91 -27.63 3.40 -0.03
C ALA A 91 -28.00 2.75 1.30
N LYS A 92 -28.20 1.44 1.32
CA LYS A 92 -28.54 0.75 2.56
C LYS A 92 -27.42 -0.12 3.10
N GLY A 93 -26.66 -0.76 2.22
CA GLY A 93 -25.74 -1.79 2.65
C GLY A 93 -26.00 -3.13 1.98
N GLU A 94 -26.19 -4.17 2.80
CA GLU A 94 -26.20 -5.56 2.37
C GLU A 94 -24.87 -5.96 1.77
N TYR A 95 -23.96 -5.00 1.57
CA TYR A 95 -22.60 -5.29 1.18
C TYR A 95 -21.81 -5.82 2.37
N GLN A 96 -20.63 -6.35 2.08
CA GLN A 96 -19.77 -6.91 3.11
C GLN A 96 -18.42 -6.21 3.08
N LYS A 97 -17.65 -6.41 4.14
CA LYS A 97 -16.36 -5.76 4.30
C LYS A 97 -15.24 -6.78 4.14
N VAL A 98 -14.17 -6.37 3.44
CA VAL A 98 -13.00 -7.20 3.19
C VAL A 98 -11.77 -6.44 3.64
N SER A 99 -10.94 -7.09 4.45
CA SER A 99 -9.79 -6.45 5.07
C SER A 99 -8.48 -7.02 4.53
N TYR A 100 -7.52 -6.13 4.30
CA TYR A 100 -6.18 -6.48 3.83
C TYR A 100 -5.14 -6.08 4.88
N PRO A 101 -4.02 -6.80 4.95
CA PRO A 101 -2.98 -6.46 5.92
C PRO A 101 -2.22 -5.21 5.47
N LEU A 102 -1.51 -4.62 6.44
CA LEU A 102 -0.74 -3.41 6.22
C LEU A 102 0.68 -3.62 6.76
N LEU A 103 1.55 -2.64 6.49
CA LEU A 103 2.94 -2.70 6.88
C LEU A 103 3.28 -1.49 7.75
N LYS A 104 3.75 -1.76 8.97
CA LYS A 104 4.19 -0.71 9.88
C LYS A 104 5.68 -0.47 9.67
N THR A 105 6.07 0.81 9.60
CA THR A 105 7.46 1.19 9.40
C THR A 105 7.84 2.18 10.49
N THR A 106 8.78 1.79 11.34
CA THR A 106 9.26 2.60 12.44
C THR A 106 10.69 3.05 12.14
N VAL A 107 10.96 4.35 12.34
CA VAL A 107 12.25 4.94 12.07
C VAL A 107 12.72 5.65 13.33
N LYS A 108 13.84 5.21 13.88
CA LYS A 108 14.39 5.77 15.11
C LYS A 108 15.60 6.65 14.78
N TYR A 109 15.75 7.73 15.55
CA TYR A 109 16.90 8.62 15.40
C TYR A 109 17.68 8.72 16.71
N GLY A 110 18.34 9.85 16.92
CA GLY A 110 19.07 10.08 18.15
C GLY A 110 18.43 11.15 19.01
N GLU A 115 11.39 9.23 16.90
CA GLU A 115 10.80 8.02 16.33
C GLU A 115 9.54 8.33 15.53
N ALA A 116 9.56 7.98 14.25
CA ALA A 116 8.42 8.18 13.36
C ALA A 116 7.90 6.84 12.87
N THR A 117 6.58 6.67 12.91
CA THR A 117 5.92 5.45 12.45
C THR A 117 5.05 5.77 11.24
N TYR A 118 5.00 4.84 10.31
CA TYR A 118 4.25 5.00 9.06
C TYR A 118 3.40 3.76 8.80
N LEU A 119 2.36 3.96 8.00
CA LEU A 119 1.50 2.87 7.55
C LEU A 119 1.53 2.84 6.03
N ALA A 120 1.83 1.68 5.46
CA ALA A 120 2.00 1.52 4.02
C ALA A 120 0.98 0.53 3.49
N LEU A 121 0.33 0.89 2.39
CA LEU A 121 -0.59 -0.02 1.72
C LEU A 121 0.10 -0.85 0.65
N ASN A 122 1.04 -0.25 -0.08
CA ASN A 122 1.78 -0.96 -1.10
C ASN A 122 3.11 -1.47 -0.56
N GLU A 123 4.08 -0.59 -0.40
CA GLU A 123 5.41 -1.00 0.04
C GLU A 123 6.14 0.17 0.67
N SER A 124 7.26 -0.14 1.30
CA SER A 124 8.20 0.84 1.83
C SER A 124 9.60 0.44 1.41
N THR A 125 10.36 1.37 0.85
CA THR A 125 11.69 1.10 0.33
C THR A 125 12.72 1.95 1.05
N VAL A 126 13.97 1.51 0.98
CA VAL A 126 15.11 2.22 1.55
C VAL A 126 16.20 2.31 0.50
N LYS A 127 16.76 3.51 0.33
CA LYS A 127 17.90 3.73 -0.56
C LYS A 127 18.87 4.66 0.13
N SER A 128 20.07 4.77 -0.43
CA SER A 128 21.10 5.64 0.14
C SER A 128 21.03 7.02 -0.50
N SER A 129 21.31 8.04 0.30
CA SER A 129 21.31 9.42 -0.17
C SER A 129 22.66 9.71 -0.81
N GLY A 130 22.75 9.50 -2.12
CA GLY A 130 23.96 9.82 -2.84
C GLY A 130 24.92 8.67 -3.02
N GLY A 131 25.55 8.24 -1.93
CA GLY A 131 26.63 7.28 -1.99
C GLY A 131 26.16 5.84 -1.90
N PRO A 132 27.10 4.95 -1.54
CA PRO A 132 26.77 3.52 -1.47
C PRO A 132 25.75 3.23 -0.38
N PHE A 133 25.03 2.12 -0.55
CA PHE A 133 23.99 1.69 0.38
C PHE A 133 24.43 0.40 1.04
N VAL A 134 24.74 0.47 2.33
CA VAL A 134 25.15 -0.70 3.12
C VAL A 134 24.33 -0.70 4.40
N VAL A 135 23.60 -1.79 4.63
CA VAL A 135 22.83 -1.94 5.86
C VAL A 135 23.00 -3.37 6.36
N ASP A 136 22.98 -3.53 7.68
CA ASP A 136 22.94 -4.84 8.31
C ASP A 136 21.49 -5.22 8.54
N VAL A 137 21.08 -6.36 7.99
CA VAL A 137 19.70 -6.83 8.12
C VAL A 137 19.59 -7.70 9.36
N VAL A 138 18.66 -7.35 10.24
CA VAL A 138 18.48 -8.02 11.52
C VAL A 138 17.05 -8.56 11.57
N ILE A 139 16.92 -9.87 11.76
CA ILE A 139 15.62 -10.53 11.80
C ILE A 139 15.43 -11.07 13.22
N ASN A 140 14.45 -10.52 13.93
CA ASN A 140 14.12 -10.95 15.29
C ASN A 140 15.35 -10.90 16.19
N ASP A 141 16.06 -9.78 16.11
CA ASP A 141 17.25 -9.46 16.92
C ASP A 141 18.44 -10.34 16.59
N ILE A 142 18.44 -11.04 15.46
CA ILE A 142 19.56 -11.88 15.04
C ILE A 142 20.08 -11.36 13.70
N HIS A 143 21.39 -11.14 13.62
CA HIS A 143 21.99 -10.63 12.40
C HIS A 143 21.89 -11.68 11.30
N PHE A 144 21.34 -11.27 10.16
CA PHE A 144 21.10 -12.18 9.04
C PHE A 144 22.04 -11.98 7.87
N GLU A 145 22.35 -10.72 7.51
CA GLU A 145 23.20 -10.46 6.36
C GLU A 145 23.61 -9.00 6.39
N ARG A 146 24.63 -8.68 5.61
CA ARG A 146 25.05 -7.31 5.34
C ARG A 146 24.79 -7.03 3.86
N PHE A 147 23.81 -6.17 3.59
CA PHE A 147 23.37 -5.87 2.24
C PHE A 147 24.16 -4.71 1.66
N ARG A 148 24.70 -4.91 0.46
CA ARG A 148 25.30 -3.83 -0.31
C ARG A 148 24.72 -3.86 -1.72
N GLY A 149 23.99 -2.81 -2.08
CA GLY A 149 23.39 -2.73 -3.39
C GLY A 149 22.71 -1.40 -3.62
N ASP A 150 21.55 -1.42 -4.28
CA ASP A 150 20.81 -0.19 -4.51
C ASP A 150 19.79 0.10 -3.41
N GLY A 151 19.15 -0.94 -2.88
CA GLY A 151 18.19 -0.74 -1.84
C GLY A 151 17.40 -2.00 -1.56
N LEU A 152 16.44 -1.87 -0.63
CA LEU A 152 15.57 -2.95 -0.23
C LEU A 152 14.13 -2.48 -0.28
N CYS A 153 13.20 -3.42 -0.37
CA CYS A 153 11.78 -3.12 -0.49
C CYS A 153 10.99 -4.10 0.37
N MET A 154 10.20 -3.58 1.29
CA MET A 154 9.28 -4.38 2.10
C MET A 154 7.86 -4.11 1.62
N SER A 155 7.15 -5.18 1.26
CA SER A 155 5.86 -5.06 0.58
C SER A 155 4.75 -5.75 1.36
N THR A 156 3.56 -5.17 1.25
CA THR A 156 2.34 -5.78 1.76
C THR A 156 1.89 -6.88 0.81
N PRO A 157 0.95 -7.74 1.24
CA PRO A 157 0.44 -8.76 0.31
C PRO A 157 -0.16 -8.17 -0.95
N SER A 158 -1.11 -7.24 -0.80
CA SER A 158 -1.71 -6.60 -1.97
C SER A 158 -0.73 -5.72 -2.72
N GLY A 159 0.34 -5.27 -2.06
CA GLY A 159 1.37 -4.49 -2.72
C GLY A 159 2.39 -5.29 -3.50
N THR A 160 2.27 -6.62 -3.49
CA THR A 160 3.24 -7.45 -4.22
C THR A 160 3.10 -7.30 -5.73
N THR A 161 1.93 -6.90 -6.22
CA THR A 161 1.72 -6.73 -7.64
C THR A 161 2.33 -5.45 -8.19
N ALA A 162 2.90 -4.61 -7.33
CA ALA A 162 3.46 -3.33 -7.78
C ALA A 162 4.97 -3.39 -7.85
N TYR A 163 5.64 -2.54 -7.07
CA TYR A 163 7.11 -2.49 -7.10
C TYR A 163 7.72 -3.83 -6.73
N ASN A 164 7.09 -4.55 -5.79
CA ASN A 164 7.60 -5.86 -5.39
C ASN A 164 7.68 -6.81 -6.57
N LYS A 165 6.70 -6.73 -7.48
CA LYS A 165 6.70 -7.62 -8.63
C LYS A 165 7.83 -7.30 -9.60
N SER A 166 8.11 -6.00 -9.80
CA SER A 166 9.18 -5.61 -10.72
C SER A 166 10.56 -6.03 -10.24
N LEU A 167 10.71 -6.33 -8.95
CA LEU A 167 11.98 -6.73 -8.38
C LEU A 167 12.14 -8.23 -8.29
N GLY A 168 11.22 -9.00 -8.87
CA GLY A 168 11.29 -10.43 -8.85
C GLY A 168 10.55 -11.11 -7.72
N GLY A 169 9.88 -10.35 -6.86
CA GLY A 169 9.18 -10.94 -5.74
C GLY A 169 7.97 -11.75 -6.18
N ALA A 170 7.44 -12.51 -5.21
CA ALA A 170 6.29 -13.36 -5.48
C ALA A 170 5.00 -12.60 -5.18
N LEU A 171 3.97 -12.90 -5.98
CA LEU A 171 2.65 -12.35 -5.73
C LEU A 171 1.93 -13.27 -4.74
N MET A 172 1.57 -12.75 -3.58
CA MET A 172 0.92 -13.53 -2.54
C MET A 172 -0.48 -13.01 -2.27
N HIS A 173 -1.39 -13.94 -1.99
CA HIS A 173 -2.79 -13.59 -1.77
C HIS A 173 -2.94 -12.70 -0.53
N PRO A 174 -3.78 -11.66 -0.60
CA PRO A 174 -3.91 -10.73 0.51
C PRO A 174 -4.61 -11.29 1.74
N SER A 175 -5.16 -12.51 1.69
CA SER A 175 -5.67 -13.12 2.91
C SER A 175 -4.56 -13.59 3.83
N ILE A 176 -3.32 -13.62 3.35
CA ILE A 176 -2.16 -14.01 4.16
C ILE A 176 -1.61 -12.78 4.84
N GLU A 177 -1.64 -12.77 6.17
CA GLU A 177 -1.12 -11.64 6.94
C GLU A 177 0.39 -11.78 7.02
N ALA A 178 1.10 -11.14 6.10
CA ALA A 178 2.55 -11.28 6.01
C ALA A 178 3.12 -10.07 5.27
N MET A 179 4.45 -10.00 5.26
CA MET A 179 5.19 -9.00 4.50
C MET A 179 6.30 -9.70 3.72
N GLN A 180 6.78 -9.04 2.68
CA GLN A 180 7.79 -9.63 1.81
C GLN A 180 8.90 -8.61 1.52
N LEU A 181 10.14 -9.03 1.73
CA LEU A 181 11.32 -8.22 1.47
C LEU A 181 11.97 -8.66 0.17
N THR A 182 12.38 -7.68 -0.65
CA THR A 182 13.07 -7.94 -1.91
C THR A 182 14.28 -7.04 -2.00
N GLU A 183 15.24 -7.45 -2.83
CA GLU A 183 16.50 -6.76 -2.99
C GLU A 183 16.57 -6.02 -4.32
N MET A 184 17.38 -4.97 -4.37
CA MET A 184 17.61 -4.19 -5.58
C MET A 184 19.09 -4.24 -5.92
N ALA A 185 19.43 -4.93 -7.01
CA ALA A 185 20.77 -4.90 -7.61
C ALA A 185 21.86 -5.02 -6.55
N SER A 186 21.82 -6.13 -5.82
CA SER A 186 22.78 -6.37 -4.77
C SER A 186 24.09 -6.90 -5.35
N ILE A 187 25.20 -6.53 -4.71
CA ILE A 187 26.51 -7.04 -5.09
C ILE A 187 26.76 -8.35 -4.36
N ASN A 188 27.14 -9.38 -5.11
CA ASN A 188 27.47 -10.69 -4.54
C ASN A 188 28.77 -11.17 -5.16
N ASN A 189 29.82 -11.25 -4.37
CA ASN A 189 31.12 -11.72 -4.83
C ASN A 189 31.77 -12.53 -3.71
N ARG A 190 33.07 -12.75 -3.83
CA ARG A 190 33.81 -13.46 -2.81
C ARG A 190 34.04 -12.63 -1.56
N VAL A 191 33.37 -11.49 -1.47
CA VAL A 191 33.48 -10.60 -0.31
C VAL A 191 32.10 -10.38 0.29
N TYR A 192 31.18 -9.84 -0.51
CA TYR A 192 29.82 -9.57 -0.08
C TYR A 192 28.91 -10.73 -0.44
N ARG A 193 27.93 -10.99 0.43
CA ARG A 193 27.04 -12.14 0.27
C ARG A 193 25.65 -11.77 0.78
N THR A 194 24.66 -11.87 -0.09
CA THR A 194 23.26 -11.69 0.29
C THR A 194 22.48 -12.95 -0.05
N ILE A 195 21.29 -13.08 0.54
CA ILE A 195 20.47 -14.27 0.30
C ILE A 195 19.93 -14.29 -1.12
N GLY A 196 19.69 -13.13 -1.72
CA GLY A 196 19.18 -13.07 -3.09
C GLY A 196 17.71 -13.36 -3.25
N SER A 197 17.23 -14.45 -2.63
CA SER A 197 15.83 -14.79 -2.72
C SER A 197 14.96 -13.77 -1.95
N PRO A 198 13.73 -13.56 -2.38
CA PRO A 198 12.79 -12.78 -1.56
C PRO A 198 12.42 -13.53 -0.30
N LEU A 199 12.17 -12.76 0.77
CA LEU A 199 11.83 -13.33 2.06
C LEU A 199 10.42 -12.89 2.47
N VAL A 200 9.63 -13.86 2.92
CA VAL A 200 8.26 -13.62 3.35
C VAL A 200 8.18 -13.87 4.86
N PHE A 201 7.89 -12.81 5.62
CA PHE A 201 7.82 -12.83 7.07
C PHE A 201 6.39 -12.82 7.57
N PRO A 202 6.06 -13.62 8.59
CA PRO A 202 4.69 -13.63 9.10
C PRO A 202 4.41 -12.51 10.07
N LYS A 203 3.27 -12.55 10.73
CA LYS A 203 3.00 -11.60 11.80
C LYS A 203 4.00 -11.79 12.93
N HIS A 204 4.26 -10.70 13.65
CA HIS A 204 5.09 -10.67 14.86
C HIS A 204 6.57 -10.90 14.56
N HIS A 205 6.98 -10.94 13.30
CA HIS A 205 8.39 -10.99 12.93
C HIS A 205 8.87 -9.58 12.63
N VAL A 206 10.00 -9.20 13.23
CA VAL A 206 10.53 -7.84 13.12
C VAL A 206 11.81 -7.89 12.27
N VAL A 207 11.81 -7.14 11.17
CA VAL A 207 12.98 -6.96 10.35
C VAL A 207 13.52 -5.56 10.60
N SER A 208 14.81 -5.47 10.94
CA SER A 208 15.43 -4.21 11.32
C SER A 208 16.64 -3.96 10.44
N LEU A 209 16.72 -2.76 9.87
CA LEU A 209 17.85 -2.33 9.06
C LEU A 209 18.71 -1.37 9.87
N GLN A 210 20.01 -1.64 9.93
CA GLN A 210 20.93 -0.81 10.67
C GLN A 210 22.05 -0.29 9.77
N PRO A 211 22.40 0.99 9.89
CA PRO A 211 23.43 1.56 9.03
C PRO A 211 24.83 1.05 9.39
N VAL A 212 25.72 1.09 8.40
CA VAL A 212 27.10 0.67 8.57
C VAL A 212 28.05 1.88 8.51
N ASN A 213 27.96 2.69 7.45
CA ASN A 213 28.72 3.93 7.37
C ASN A 213 27.82 5.16 7.35
N ASP A 214 27.32 5.50 6.17
CA ASP A 214 26.40 6.60 6.01
C ASP A 214 25.13 6.35 6.80
N LYS A 215 24.57 7.44 7.33
CA LYS A 215 23.40 7.36 8.19
C LYS A 215 22.20 8.09 7.60
N ASP A 216 22.29 8.52 6.34
CA ASP A 216 21.19 9.20 5.68
C ASP A 216 20.59 8.27 4.62
N PHE A 217 19.28 8.13 4.63
CA PHE A 217 18.56 7.23 3.73
C PHE A 217 17.39 7.93 3.08
N GLN A 218 17.17 7.64 1.81
CA GLN A 218 15.96 8.05 1.10
C GLN A 218 14.92 6.95 1.33
N ILE A 219 13.99 7.20 2.24
CA ILE A 219 12.96 6.24 2.61
C ILE A 219 11.66 6.64 1.95
N SER A 220 10.95 5.66 1.40
CA SER A 220 9.67 5.89 0.75
C SER A 220 8.60 5.04 1.41
N VAL A 221 7.38 5.57 1.43
CA VAL A 221 6.19 4.85 1.86
C VAL A 221 5.14 5.12 0.79
N ASP A 222 4.80 4.09 0.01
CA ASP A 222 3.97 4.24 -1.19
C ASP A 222 4.62 5.25 -2.13
N HIS A 223 3.94 6.36 -2.42
CA HIS A 223 4.45 7.35 -3.36
C HIS A 223 4.96 8.62 -2.67
N LEU A 224 5.08 8.62 -1.34
CA LEU A 224 5.74 9.70 -0.62
C LEU A 224 7.15 9.24 -0.24
N SER A 225 8.13 10.07 -0.54
CA SER A 225 9.54 9.72 -0.36
C SER A 225 10.29 10.93 0.18
N ILE A 226 10.85 10.81 1.37
CA ILE A 226 11.55 11.91 2.03
C ILE A 226 12.91 11.42 2.53
N LEU A 227 13.93 12.25 2.39
CA LEU A 227 15.25 11.92 2.90
C LEU A 227 15.28 12.02 4.41
N HIS A 228 15.82 10.99 5.06
CA HIS A 228 16.00 10.98 6.51
C HIS A 228 17.47 11.12 6.85
N ARG A 229 17.75 11.84 7.93
CA ARG A 229 19.11 12.07 8.38
C ARG A 229 19.31 11.54 9.79
N ASP A 230 20.54 11.06 10.05
CA ASP A 230 20.94 10.54 11.35
C ASP A 230 20.00 9.41 11.80
N VAL A 231 19.91 8.40 10.93
CA VAL A 231 19.03 7.25 11.17
C VAL A 231 19.77 6.23 12.01
N GLN A 232 19.12 5.73 13.06
CA GLN A 232 19.68 4.68 13.91
C GLN A 232 19.26 3.28 13.48
N GLU A 233 17.98 3.09 13.15
CA GLU A 233 17.51 1.82 12.63
C GLU A 233 16.15 2.03 11.98
N ILE A 234 15.90 1.24 10.94
CA ILE A 234 14.60 1.18 10.27
C ILE A 234 13.97 -0.16 10.64
N ARG A 235 12.73 -0.12 11.13
CA ARG A 235 12.08 -1.32 11.68
C ARG A 235 10.82 -1.62 10.88
N TYR A 236 10.76 -2.82 10.31
CA TYR A 236 9.63 -3.28 9.53
C TYR A 236 8.92 -4.43 10.24
N GLU A 237 7.59 -4.38 10.25
CA GLU A 237 6.79 -5.47 10.79
C GLU A 237 5.36 -5.32 10.30
N VAL A 238 4.65 -6.45 10.22
CA VAL A 238 3.26 -6.42 9.78
C VAL A 238 2.44 -5.66 10.80
N SER A 239 1.70 -4.65 10.33
CA SER A 239 0.93 -3.79 11.21
C SER A 239 -0.24 -4.55 11.83
N ALA A 240 -0.73 -4.01 12.94
CA ALA A 240 -1.93 -4.52 13.59
C ALA A 240 -3.21 -3.91 13.03
N LYS A 241 -3.10 -2.79 12.32
CA LYS A 241 -4.25 -2.18 11.67
C LYS A 241 -4.45 -2.77 10.28
N LYS A 242 -5.70 -2.82 9.85
CA LYS A 242 -6.05 -3.36 8.55
C LYS A 242 -6.96 -2.38 7.82
N ILE A 243 -6.77 -2.30 6.50
CA ILE A 243 -7.64 -1.49 5.65
C ILE A 243 -8.88 -2.30 5.31
N HIS A 244 -10.04 -1.65 5.33
CA HIS A 244 -11.32 -2.31 5.11
C HIS A 244 -11.91 -1.87 3.78
N PHE A 245 -12.27 -2.84 2.95
CA PHE A 245 -12.88 -2.60 1.65
C PHE A 245 -14.36 -2.96 1.71
N ALA A 246 -15.16 -2.23 0.94
CA ALA A 246 -16.57 -2.57 0.75
C ALA A 246 -16.70 -3.46 -0.48
N ARG A 247 -17.22 -4.66 -0.29
CA ARG A 247 -17.41 -5.61 -1.37
C ARG A 247 -18.90 -5.76 -1.67
N PHE A 248 -19.24 -5.72 -2.95
CA PHE A 248 -20.60 -5.95 -3.42
C PHE A 248 -20.69 -7.13 -4.38
N ARG A 249 -19.57 -7.57 -4.92
CA ARG A 249 -19.50 -8.57 -5.98
C ARG A 249 -18.44 -9.59 -5.57
N SER A 250 -18.09 -10.47 -6.49
CA SER A 250 -17.04 -11.47 -6.29
C SER A 250 -15.98 -11.24 -7.38
N PHE A 251 -14.94 -10.47 -7.04
CA PHE A 251 -13.80 -10.23 -7.91
C PHE A 251 -12.56 -10.79 -7.23
N PRO A 252 -12.21 -12.06 -7.47
CA PRO A 252 -11.08 -12.66 -6.77
C PRO A 252 -9.76 -11.97 -7.10
N PHE A 253 -8.81 -12.11 -6.17
CA PHE A 253 -7.50 -11.48 -6.33
C PHE A 253 -6.77 -12.04 -7.54
N TRP A 254 -6.85 -13.34 -7.77
CA TRP A 254 -6.18 -13.94 -8.91
C TRP A 254 -6.83 -13.54 -10.22
N ARG A 255 -8.13 -13.23 -10.19
CA ARG A 255 -8.77 -12.71 -11.40
C ARG A 255 -8.28 -11.30 -11.71
N ARG A 256 -8.01 -10.50 -10.67
CA ARG A 256 -7.44 -9.17 -10.88
C ARG A 256 -6.02 -9.27 -11.40
N VAL A 257 -5.24 -10.23 -10.90
CA VAL A 257 -3.89 -10.46 -11.40
C VAL A 257 -3.93 -10.86 -12.86
N HIS A 258 -4.89 -11.72 -13.22
CA HIS A 258 -5.01 -12.19 -14.60
C HIS A 258 -5.35 -11.05 -15.55
N ASP A 259 -6.32 -10.22 -15.16
CA ASP A 259 -6.75 -9.13 -16.04
C ASP A 259 -5.68 -8.07 -16.21
N SER A 260 -4.81 -7.89 -15.21
CA SER A 260 -3.81 -6.83 -15.28
C SER A 260 -2.56 -7.25 -16.06
N PHE A 261 -2.16 -8.51 -15.95
CA PHE A 261 -0.89 -8.96 -16.51
C PHE A 261 -1.04 -9.94 -17.66
N ILE A 262 -2.02 -10.85 -17.60
CA ILE A 262 -2.20 -11.83 -18.65
C ILE A 262 -3.06 -11.22 -19.76
N GLU A 263 -4.29 -10.86 -19.41
CA GLU A 263 -5.22 -10.27 -20.37
C GLU A 263 -6.44 -9.70 -19.66
C1 CIT B . -10.49 -13.52 -3.16
O1 CIT B . -9.46 -13.20 -3.80
O2 CIT B . -11.08 -14.58 -3.45
C2 CIT B . -11.03 -12.63 -2.05
C3 CIT B . -11.44 -11.27 -2.61
O7 CIT B . -12.21 -11.46 -3.83
C4 CIT B . -12.30 -10.53 -1.60
C5 CIT B . -13.72 -11.02 -1.66
O3 CIT B . -14.21 -11.67 -0.72
O4 CIT B . -14.43 -10.79 -2.67
C6 CIT B . -10.20 -10.46 -2.91
O5 CIT B . -9.15 -10.61 -2.25
O6 CIT B . -10.22 -9.62 -3.86
C4 JY8 C . -0.10 -0.49 -8.94
C5 JY8 C . -0.45 -0.81 -7.59
C2 JY8 C . -0.08 -2.67 -9.50
N1 JY8 C . -0.41 -3.13 -8.25
C6 JY8 C . -0.59 -2.18 -7.27
C8 JY8 C . -0.30 1.37 -7.68
C81 JY8 C . -0.31 2.82 -7.37
C91 JY8 C . 0.31 1.73 -10.16
C92 JY8 C . 1.82 2.05 -10.26
N3 JY8 C . 0.10 -1.41 -9.94
N6 JY8 C . -0.93 -2.63 -6.03
N7 JY8 C . -0.57 0.37 -6.82
N9 JY8 C . -0.01 0.90 -8.99
#